data_9D8F
#
_entry.id   9D8F
#
_cell.length_a   52.663
_cell.length_b   71.043
_cell.length_c   158.361
_cell.angle_alpha   90.00
_cell.angle_beta   90.00
_cell.angle_gamma   90.00
#
_symmetry.space_group_name_H-M   'P 21 21 21'
#
loop_
_entity.id
_entity.type
_entity.pdbx_description
1 polymer 'Activin receptor type-1'
2 non-polymer 'PHOSPHATE ION'
3 non-polymer GLYCEROL
4 non-polymer N-[3-(dimethylamino)propyl]-1-[(1r,3r)-3-(methylcarbamoyl)cyclobutyl]-2-(3,4,5-trimethoxyphenyl)-1H-1,3-benzimidazole-6-carboxamide
5 water water
#
_entity_poly.entity_id   1
_entity_poly.type   'polypeptide(L)'
_entity_poly.pdbx_seq_one_letter_code
;GSGLPFLVQRTVARQITLLECVGKGRYGEVWRGSWQGENVAVKIFSSRDEKSWFRETELYNTVMLRHENILGFIASDMTS
RHSSTQLWLITHYHEMGSLYDYLQLTTLDTVSCLRIVLSIASGLAHLHIEIFGTQGKPAIAHRDLKSKNILVKKNGQCCI
ADLGLAVMHSQSTNQLDVGNNPRVGTKRYMAPEVLDETIQVDCFDSYKRVDIWAFGLVLWEVARRMVSNGIVEDYKPPFY
DVVPNDPSFEDMRKVVCVDQQRPNIPNRWFSDPTLTSLAKLMKECWYQNPSARLTALRIKKTLTKIDNSLDKLKTDC
;
_entity_poly.pdbx_strand_id   A,B
#
# COMPACT_ATOMS: atom_id res chain seq x y z
N GLY A 1 -8.50 25.56 32.65
CA GLY A 1 -7.82 24.79 31.63
C GLY A 1 -8.56 24.76 30.31
N SER A 2 -8.29 23.72 29.51
CA SER A 2 -8.89 23.59 28.19
C SER A 2 -10.20 22.81 28.21
N GLY A 3 -10.46 22.05 29.27
CA GLY A 3 -11.61 21.16 29.28
C GLY A 3 -12.67 21.56 30.27
N LEU A 4 -13.40 20.57 30.77
CA LEU A 4 -14.53 20.78 31.68
C LEU A 4 -14.07 21.41 32.98
N PRO A 5 -15.02 21.85 33.84
CA PRO A 5 -14.65 22.61 35.04
C PRO A 5 -13.69 21.94 36.02
N PHE A 6 -13.27 20.71 35.74
CA PHE A 6 -12.26 19.99 36.53
C PHE A 6 -12.93 19.10 37.56
N LEU A 7 -13.76 19.66 38.45
CA LEU A 7 -14.63 18.81 39.25
C LEU A 7 -15.49 17.95 38.34
N VAL A 8 -16.00 18.54 37.26
CA VAL A 8 -16.72 17.76 36.25
C VAL A 8 -15.80 16.74 35.61
N GLN A 9 -14.55 17.11 35.34
CA GLN A 9 -13.62 16.21 34.65
C GLN A 9 -13.49 14.87 35.37
N ARG A 10 -13.37 14.91 36.69
CA ARG A 10 -13.17 13.67 37.44
C ARG A 10 -14.38 12.76 37.33
N THR A 11 -15.58 13.34 37.27
CA THR A 11 -16.80 12.56 37.16
C THR A 11 -17.07 12.11 35.73
N VAL A 12 -16.39 12.70 34.75
CA VAL A 12 -16.66 12.36 33.35
C VAL A 12 -16.28 10.91 33.07
N ALA A 13 -15.08 10.51 33.50
CA ALA A 13 -14.60 9.16 33.16
C ALA A 13 -15.55 8.10 33.67
N ARG A 14 -16.13 8.31 34.85
CA ARG A 14 -17.06 7.33 35.41
C ARG A 14 -18.39 7.31 34.66
N GLN A 15 -18.74 8.39 33.97
CA GLN A 15 -19.96 8.48 33.19
C GLN A 15 -19.78 8.01 31.75
N ILE A 16 -18.59 7.67 31.35
CA ILE A 16 -18.32 7.28 29.97
C ILE A 16 -18.49 5.78 29.82
N THR A 17 -19.13 5.38 28.73
CA THR A 17 -19.15 3.99 28.31
C THR A 17 -18.34 3.87 27.03
N LEU A 18 -17.45 2.89 26.99
CA LEU A 18 -16.63 2.65 25.79
C LEU A 18 -17.42 1.75 24.86
N LEU A 19 -17.55 2.18 23.60
CA LEU A 19 -18.40 1.48 22.64
C LEU A 19 -17.60 0.71 21.59
N GLU A 20 -16.61 1.34 20.97
CA GLU A 20 -15.84 0.66 19.94
C GLU A 20 -14.38 1.09 20.02
N CYS A 21 -13.50 0.15 19.70
CA CYS A 21 -12.08 0.43 19.60
C CYS A 21 -11.76 0.76 18.15
N VAL A 22 -11.37 2.00 17.89
CA VAL A 22 -11.15 2.50 16.54
C VAL A 22 -9.68 2.64 16.18
N GLY A 23 -8.78 2.48 17.15
CA GLY A 23 -7.36 2.59 16.88
C GLY A 23 -6.54 1.83 17.89
N LYS A 24 -5.44 1.23 17.44
CA LYS A 24 -4.56 0.52 18.36
C LYS A 24 -3.16 0.54 17.79
N GLY A 25 -2.21 0.87 18.64
CA GLY A 25 -0.82 0.94 18.25
C GLY A 25 0.03 0.80 19.48
N ARG A 26 1.31 1.15 19.33
CA ARG A 26 2.20 1.13 20.47
C ARG A 26 1.89 2.23 21.47
N TYR A 27 1.11 3.23 21.06
CA TYR A 27 0.68 4.28 21.98
C TYR A 27 -0.36 3.77 22.96
N GLY A 28 -1.06 2.69 22.62
CA GLY A 28 -2.21 2.25 23.39
C GLY A 28 -3.42 2.02 22.49
N GLU A 29 -4.57 2.55 22.88
CA GLU A 29 -5.81 2.34 22.14
C GLU A 29 -6.59 3.63 22.09
N VAL A 30 -7.40 3.80 21.04
CA VAL A 30 -8.36 4.89 20.97
C VAL A 30 -9.74 4.28 20.75
N TRP A 31 -10.71 4.73 21.53
CA TRP A 31 -12.07 4.24 21.50
C TRP A 31 -13.02 5.39 21.19
N ARG A 32 -14.09 5.08 20.47
CA ARG A 32 -15.30 5.90 20.53
C ARG A 32 -16.04 5.56 21.82
N GLY A 33 -16.18 6.55 22.70
CA GLY A 33 -16.97 6.41 23.90
C GLY A 33 -18.18 7.32 23.83
N SER A 34 -19.09 7.11 24.76
CA SER A 34 -20.31 7.91 24.87
CA SER A 34 -20.31 7.91 24.87
C SER A 34 -20.39 8.50 26.27
N TRP A 35 -20.61 9.81 26.34
CA TRP A 35 -20.80 10.55 27.57
C TRP A 35 -22.14 11.27 27.45
N GLN A 36 -23.15 10.79 28.17
CA GLN A 36 -24.50 11.34 28.06
C GLN A 36 -25.01 11.19 26.62
N GLY A 37 -24.72 10.06 26.00
CA GLY A 37 -25.18 9.83 24.64
C GLY A 37 -24.53 10.70 23.60
N GLU A 38 -23.41 11.33 23.91
CA GLU A 38 -22.61 12.09 22.96
C GLU A 38 -21.27 11.39 22.77
N ASN A 39 -20.81 11.34 21.53
CA ASN A 39 -19.54 10.69 21.24
C ASN A 39 -18.37 11.47 21.84
N VAL A 40 -17.42 10.74 22.41
CA VAL A 40 -16.13 11.27 22.83
C VAL A 40 -15.06 10.28 22.39
N ALA A 41 -13.85 10.78 22.17
CA ALA A 41 -12.70 9.93 21.92
C ALA A 41 -11.94 9.73 23.21
N VAL A 42 -11.62 8.47 23.50
CA VAL A 42 -10.88 8.08 24.71
C VAL A 42 -9.63 7.38 24.23
N LYS A 43 -8.48 7.99 24.50
CA LYS A 43 -7.19 7.36 24.25
C LYS A 43 -6.72 6.73 25.56
N ILE A 44 -6.44 5.44 25.51
CA ILE A 44 -5.99 4.67 26.66
C ILE A 44 -4.51 4.38 26.42
N PHE A 45 -3.64 4.96 27.24
CA PHE A 45 -2.23 4.93 26.96
C PHE A 45 -1.59 3.63 27.40
N SER A 46 -0.70 3.11 26.56
CA SER A 46 0.17 2.04 26.97
C SER A 46 1.12 2.51 28.06
N SER A 47 1.72 1.54 28.77
CA SER A 47 2.73 1.91 29.76
C SER A 47 3.93 2.57 29.12
N ARG A 48 4.23 2.20 27.86
CA ARG A 48 5.35 2.82 27.16
C ARG A 48 5.18 4.32 27.06
N ASP A 49 3.95 4.78 26.84
CA ASP A 49 3.65 6.18 26.57
C ASP A 49 3.03 6.89 27.79
N GLU A 50 3.12 6.29 28.97
CA GLU A 50 2.44 6.87 30.13
C GLU A 50 2.93 8.29 30.40
N LYS A 51 4.23 8.55 30.19
CA LYS A 51 4.73 9.91 30.40
C LYS A 51 4.12 10.89 29.41
N SER A 52 3.81 10.44 28.20
CA SER A 52 3.12 11.32 27.26
C SER A 52 1.72 11.66 27.76
N TRP A 53 1.05 10.69 28.38
CA TRP A 53 -0.26 10.98 28.98
C TRP A 53 -0.11 12.04 30.06
N PHE A 54 0.90 11.91 30.90
CA PHE A 54 1.05 12.85 31.99
C PHE A 54 1.37 14.25 31.48
N ARG A 55 2.30 14.35 30.52
CA ARG A 55 2.68 15.66 30.00
C ARG A 55 1.52 16.34 29.28
N GLU A 56 0.78 15.59 28.47
CA GLU A 56 -0.37 16.19 27.81
C GLU A 56 -1.42 16.61 28.84
N THR A 57 -1.64 15.79 29.85
CA THR A 57 -2.57 16.16 30.92
C THR A 57 -2.11 17.44 31.61
N GLU A 58 -0.84 17.49 32.02
CA GLU A 58 -0.33 18.71 32.61
C GLU A 58 -0.66 19.89 31.72
N LEU A 59 -0.27 19.81 30.44
CA LEU A 59 -0.38 20.95 29.53
C LEU A 59 -1.82 21.45 29.40
N TYR A 60 -2.71 20.58 28.93
CA TYR A 60 -4.09 21.00 28.64
C TYR A 60 -4.75 21.58 29.89
N ASN A 61 -4.30 21.18 31.07
CA ASN A 61 -4.87 21.71 32.30
C ASN A 61 -4.18 23.00 32.76
N THR A 62 -2.90 23.20 32.42
CA THR A 62 -2.20 24.42 32.80
C THR A 62 -2.35 25.53 31.77
N VAL A 63 -2.65 25.18 30.52
CA VAL A 63 -2.90 26.14 29.46
C VAL A 63 -4.28 25.86 28.90
N MET A 64 -5.07 26.91 28.70
CA MET A 64 -6.44 26.76 28.20
C MET A 64 -6.42 26.79 26.67
N LEU A 65 -5.88 25.73 26.09
CA LEU A 65 -5.83 25.62 24.64
C LEU A 65 -7.24 25.37 24.12
N ARG A 66 -7.81 26.37 23.45
CA ARG A 66 -9.10 26.23 22.78
C ARG A 66 -8.94 26.85 21.39
N HIS A 67 -8.98 26.00 20.37
CA HIS A 67 -8.86 26.50 19.01
C HIS A 67 -9.51 25.48 18.09
N GLU A 68 -10.20 25.96 17.06
N GLU A 68 -10.20 25.96 17.06
CA GLU A 68 -10.91 25.09 16.12
CA GLU A 68 -10.92 25.08 16.14
C GLU A 68 -9.98 24.07 15.48
C GLU A 68 -9.99 24.09 15.44
N ASN A 69 -8.69 24.38 15.37
CA ASN A 69 -7.73 23.52 14.70
C ASN A 69 -6.78 22.82 15.66
N ILE A 70 -7.15 22.79 16.95
CA ILE A 70 -6.49 21.96 17.95
C ILE A 70 -7.52 21.00 18.51
N LEU A 71 -7.13 19.74 18.66
CA LEU A 71 -8.07 18.75 19.21
C LEU A 71 -8.61 19.23 20.55
N GLY A 72 -9.93 19.19 20.69
CA GLY A 72 -10.59 19.73 21.87
C GLY A 72 -10.52 18.80 23.07
N PHE A 73 -9.79 19.24 24.09
CA PHE A 73 -9.63 18.46 25.31
C PHE A 73 -10.89 18.52 26.14
N ILE A 74 -11.27 17.37 26.71
CA ILE A 74 -12.42 17.28 27.61
C ILE A 74 -11.97 16.98 29.04
N ALA A 75 -11.21 15.91 29.22
CA ALA A 75 -10.77 15.51 30.56
C ALA A 75 -9.65 14.50 30.44
N SER A 76 -8.95 14.30 31.54
CA SER A 76 -7.95 13.27 31.67
C SER A 76 -8.20 12.56 32.98
N ASP A 77 -7.93 11.26 33.03
CA ASP A 77 -8.15 10.55 34.27
C ASP A 77 -7.28 9.31 34.34
N MET A 78 -6.92 8.94 35.58
CA MET A 78 -6.40 7.62 35.89
C MET A 78 -7.58 6.87 36.51
N THR A 79 -8.23 6.05 35.70
CA THR A 79 -9.48 5.42 36.10
C THR A 79 -9.28 3.91 36.07
N SER A 80 -10.33 3.20 36.48
CA SER A 80 -10.32 1.74 36.46
C SER A 80 -11.44 1.28 35.55
N ARG A 81 -11.10 0.40 34.62
CA ARG A 81 -12.07 -0.26 33.76
C ARG A 81 -11.73 -1.73 33.74
N HIS A 82 -12.75 -2.57 33.93
CA HIS A 82 -12.54 -4.02 33.96
C HIS A 82 -11.47 -4.38 34.98
N SER A 83 -11.44 -3.65 36.09
CA SER A 83 -10.55 -3.93 37.23
C SER A 83 -9.08 -3.71 36.89
N SER A 84 -8.80 -2.93 35.86
CA SER A 84 -7.45 -2.52 35.52
C SER A 84 -7.37 -1.00 35.60
N THR A 85 -6.33 -0.49 36.23
CA THR A 85 -6.10 0.94 36.27
C THR A 85 -5.54 1.40 34.93
N GLN A 86 -6.10 2.46 34.38
CA GLN A 86 -5.81 2.87 33.02
C GLN A 86 -5.61 4.37 32.99
N LEU A 87 -4.81 4.83 32.02
CA LEU A 87 -4.57 6.25 31.81
C LEU A 87 -5.42 6.68 30.62
N TRP A 88 -6.39 7.55 30.85
CA TRP A 88 -7.31 8.00 29.82
C TRP A 88 -7.11 9.47 29.50
N LEU A 89 -7.11 9.79 28.21
CA LEU A 89 -7.26 11.14 27.70
C LEU A 89 -8.56 11.17 26.91
N ILE A 90 -9.46 12.10 27.27
CA ILE A 90 -10.79 12.17 26.66
C ILE A 90 -10.88 13.48 25.90
N THR A 91 -11.27 13.40 24.62
CA THR A 91 -11.34 14.56 23.75
C THR A 91 -12.61 14.50 22.90
N HIS A 92 -12.82 15.55 22.11
N HIS A 92 -12.83 15.55 22.12
CA HIS A 92 -13.85 15.51 21.07
CA HIS A 92 -13.88 15.49 21.10
C HIS A 92 -13.62 14.32 20.17
C HIS A 92 -13.63 14.31 20.17
N TYR A 93 -14.71 13.74 19.67
CA TYR A 93 -14.64 12.60 18.76
C TYR A 93 -14.78 13.07 17.33
N HIS A 94 -13.78 12.77 16.52
CA HIS A 94 -13.79 13.10 15.09
C HIS A 94 -13.93 11.80 14.31
N GLU A 95 -15.15 11.55 13.80
CA GLU A 95 -15.45 10.26 13.17
C GLU A 95 -14.51 9.97 12.01
N MET A 96 -14.05 11.00 11.30
CA MET A 96 -13.26 10.72 10.10
C MET A 96 -11.90 10.12 10.43
N GLY A 97 -11.43 10.29 11.67
CA GLY A 97 -10.13 9.76 12.03
C GLY A 97 -8.97 10.62 11.56
N SER A 98 -7.82 9.97 11.44
CA SER A 98 -6.59 10.70 11.19
C SER A 98 -6.49 11.09 9.71
N LEU A 99 -5.78 12.20 9.48
CA LEU A 99 -5.50 12.62 8.12
C LEU A 99 -4.77 11.52 7.35
N TYR A 100 -3.82 10.86 8.02
CA TYR A 100 -3.08 9.73 7.43
C TYR A 100 -4.04 8.71 6.84
N ASP A 101 -5.00 8.24 7.64
CA ASP A 101 -5.96 7.26 7.15
C ASP A 101 -6.88 7.87 6.10
N TYR A 102 -7.33 9.10 6.31
CA TYR A 102 -8.26 9.76 5.40
C TYR A 102 -7.68 9.87 3.98
N LEU A 103 -6.41 10.25 3.89
CA LEU A 103 -5.79 10.43 2.57
C LEU A 103 -5.72 9.15 1.76
N GLN A 104 -5.74 8.00 2.42
CA GLN A 104 -5.71 6.72 1.72
C GLN A 104 -7.09 6.27 1.27
N LEU A 105 -8.15 6.94 1.71
CA LEU A 105 -9.51 6.55 1.38
C LEU A 105 -10.14 7.38 0.28
N THR A 106 -9.74 8.63 0.11
CA THR A 106 -10.37 9.49 -0.87
C THR A 106 -9.33 10.46 -1.42
N THR A 107 -9.75 11.20 -2.43
CA THR A 107 -8.98 12.26 -3.05
C THR A 107 -9.63 13.60 -2.75
N LEU A 108 -8.96 14.66 -3.17
CA LEU A 108 -9.30 16.02 -2.79
C LEU A 108 -9.42 16.87 -4.04
N ASP A 109 -10.27 17.90 -3.97
CA ASP A 109 -10.28 18.95 -4.98
C ASP A 109 -9.59 20.18 -4.39
N THR A 110 -9.51 21.24 -5.17
CA THR A 110 -8.75 22.41 -4.74
C THR A 110 -9.29 22.95 -3.42
N VAL A 111 -10.62 23.01 -3.29
CA VAL A 111 -11.22 23.57 -2.08
C VAL A 111 -10.88 22.72 -0.87
N SER A 112 -11.08 21.40 -0.97
CA SER A 112 -10.88 20.55 0.20
C SER A 112 -9.41 20.40 0.53
N CYS A 113 -8.55 20.41 -0.49
CA CYS A 113 -7.11 20.41 -0.24
C CYS A 113 -6.70 21.65 0.55
N LEU A 114 -7.07 22.83 0.05
CA LEU A 114 -6.67 24.06 0.73
C LEU A 114 -7.27 24.15 2.12
N ARG A 115 -8.50 23.67 2.29
CA ARG A 115 -9.12 23.72 3.61
C ARG A 115 -8.31 22.92 4.62
N ILE A 116 -7.80 21.75 4.20
CA ILE A 116 -7.01 20.93 5.09
C ILE A 116 -5.73 21.65 5.49
N VAL A 117 -4.96 22.12 4.50
CA VAL A 117 -3.63 22.63 4.84
C VAL A 117 -3.75 23.97 5.57
N LEU A 118 -4.73 24.80 5.20
CA LEU A 118 -4.91 26.06 5.91
C LEU A 118 -5.27 25.82 7.37
N SER A 119 -6.14 24.84 7.63
CA SER A 119 -6.54 24.58 9.01
C SER A 119 -5.35 24.09 9.83
N ILE A 120 -4.48 23.28 9.23
CA ILE A 120 -3.28 22.85 9.97
C ILE A 120 -2.37 24.03 10.25
N ALA A 121 -2.15 24.89 9.25
CA ALA A 121 -1.29 26.04 9.49
C ALA A 121 -1.88 26.97 10.54
N SER A 122 -3.21 27.13 10.54
CA SER A 122 -3.83 27.97 11.54
C SER A 122 -3.67 27.37 12.93
N GLY A 123 -3.85 26.06 13.05
CA GLY A 123 -3.63 25.41 14.33
C GLY A 123 -2.19 25.51 14.80
N LEU A 124 -1.25 25.29 13.88
CA LEU A 124 0.17 25.34 14.24
C LEU A 124 0.58 26.76 14.64
N ALA A 125 0.07 27.77 13.93
CA ALA A 125 0.39 29.14 14.32
C ALA A 125 -0.15 29.44 15.72
N HIS A 126 -1.36 28.96 16.03
CA HIS A 126 -1.91 29.20 17.37
C HIS A 126 -1.08 28.50 18.45
N LEU A 127 -0.64 27.27 18.19
CA LEU A 127 0.30 26.63 19.10
C LEU A 127 1.56 27.49 19.27
N HIS A 128 2.14 27.93 18.15
CA HIS A 128 3.47 28.54 18.18
C HIS A 128 3.48 29.92 18.84
N ILE A 129 2.42 30.68 18.69
CA ILE A 129 2.42 32.08 19.12
C ILE A 129 2.22 32.16 20.63
N GLU A 130 3.11 32.87 21.30
CA GLU A 130 2.93 33.16 22.72
C GLU A 130 2.00 34.36 22.86
N ILE A 131 1.00 34.24 23.72
CA ILE A 131 0.05 35.31 23.99
C ILE A 131 0.25 35.74 25.44
N PHE A 132 0.62 36.98 25.63
CA PHE A 132 0.84 37.52 26.96
C PHE A 132 -0.48 37.89 27.59
N GLY A 133 -0.46 38.03 28.91
CA GLY A 133 -1.64 38.40 29.67
C GLY A 133 -2.20 37.21 30.45
N THR A 134 -3.18 37.54 31.29
CA THR A 134 -3.75 36.53 32.19
C THR A 134 -4.50 35.45 31.44
N GLN A 135 -5.08 35.75 30.28
CA GLN A 135 -5.78 34.75 29.49
C GLN A 135 -4.99 34.36 28.24
N GLY A 136 -3.68 34.54 28.26
CA GLY A 136 -2.82 34.18 27.15
C GLY A 136 -2.38 32.75 27.22
N LYS A 137 -1.23 32.47 26.60
CA LYS A 137 -0.71 31.11 26.54
C LYS A 137 0.77 31.18 26.25
N PRO A 138 1.54 30.22 26.74
CA PRO A 138 2.94 30.13 26.30
C PRO A 138 3.00 29.69 24.85
N ALA A 139 4.11 30.02 24.21
CA ALA A 139 4.41 29.40 22.92
C ALA A 139 4.55 27.90 23.12
N ILE A 140 4.09 27.13 22.14
CA ILE A 140 4.11 25.67 22.19
C ILE A 140 4.66 25.17 20.87
N ALA A 141 5.68 24.33 20.93
CA ALA A 141 6.14 23.57 19.77
C ALA A 141 5.69 22.13 19.94
N HIS A 142 5.19 21.54 18.86
CA HIS A 142 4.51 20.25 18.93
C HIS A 142 5.49 19.09 19.05
N ARG A 143 6.49 19.06 18.18
CA ARG A 143 7.61 18.14 18.15
C ARG A 143 7.28 16.77 17.57
N ASP A 144 6.04 16.49 17.20
CA ASP A 144 5.74 15.24 16.51
C ASP A 144 4.63 15.48 15.49
N LEU A 145 4.71 16.60 14.78
CA LEU A 145 3.69 16.93 13.79
C LEU A 145 3.83 15.99 12.60
N LYS A 146 2.72 15.36 12.22
CA LYS A 146 2.67 14.42 11.12
C LYS A 146 1.21 14.09 10.86
N SER A 147 0.97 13.36 9.76
CA SER A 147 -0.42 13.15 9.34
C SER A 147 -1.19 12.24 10.31
N LYS A 148 -0.50 11.36 11.02
CA LYS A 148 -1.20 10.53 12.00
C LYS A 148 -1.63 11.32 13.23
N ASN A 149 -1.07 12.50 13.43
CA ASN A 149 -1.38 13.35 14.58
C ASN A 149 -2.25 14.53 14.19
N ILE A 150 -2.95 14.41 13.08
CA ILE A 150 -3.91 15.40 12.63
C ILE A 150 -5.21 14.67 12.39
N LEU A 151 -6.31 15.21 12.91
CA LEU A 151 -7.62 14.61 12.75
C LEU A 151 -8.46 15.43 11.78
N VAL A 152 -9.34 14.74 11.06
CA VAL A 152 -10.18 15.35 10.03
C VAL A 152 -11.59 15.50 10.58
N LYS A 153 -12.18 16.67 10.36
CA LYS A 153 -13.55 16.94 10.75
C LYS A 153 -14.48 16.71 9.57
N LYS A 154 -15.76 16.48 9.88
CA LYS A 154 -16.74 16.25 8.82
C LYS A 154 -16.79 17.41 7.84
N ASN A 155 -16.55 18.63 8.32
CA ASN A 155 -16.59 19.83 7.48
C ASN A 155 -15.32 20.02 6.66
N GLY A 156 -14.36 19.09 6.74
CA GLY A 156 -13.18 19.19 5.92
C GLY A 156 -12.03 19.96 6.53
N GLN A 157 -12.26 20.69 7.62
CA GLN A 157 -11.14 21.22 8.39
C GLN A 157 -10.49 20.11 9.21
N CYS A 158 -9.29 20.40 9.71
CA CYS A 158 -8.52 19.47 10.53
C CYS A 158 -8.20 20.10 11.87
N CYS A 159 -7.73 19.27 12.78
CA CYS A 159 -7.19 19.77 14.03
C CYS A 159 -5.97 18.94 14.40
N ILE A 160 -4.99 19.60 15.02
CA ILE A 160 -3.75 18.98 15.44
C ILE A 160 -3.96 18.29 16.77
N ALA A 161 -3.40 17.09 16.89
CA ALA A 161 -3.58 16.26 18.08
C ALA A 161 -2.23 15.81 18.61
N ASP A 162 -2.27 15.32 19.85
CA ASP A 162 -1.16 14.64 20.50
C ASP A 162 -0.08 15.64 20.87
N LEU A 163 -0.23 16.24 22.05
CA LEU A 163 0.71 17.20 22.60
C LEU A 163 1.63 16.57 23.64
N GLY A 164 1.76 15.24 23.63
CA GLY A 164 2.51 14.57 24.67
C GLY A 164 4.01 14.80 24.61
N LEU A 165 4.52 15.30 23.49
CA LEU A 165 5.92 15.64 23.33
C LEU A 165 6.13 17.14 23.26
N ALA A 166 5.07 17.92 23.36
CA ALA A 166 5.18 19.35 23.13
C ALA A 166 6.05 19.98 24.21
N VAL A 167 6.69 21.08 23.85
CA VAL A 167 7.50 21.87 24.76
C VAL A 167 6.91 23.26 24.82
N MET A 168 6.92 23.87 26.00
CA MET A 168 6.36 25.19 26.21
C MET A 168 7.45 26.19 26.52
N HIS A 169 7.23 27.44 26.09
CA HIS A 169 8.11 28.54 26.39
C HIS A 169 7.29 29.77 26.72
N SER A 170 7.52 30.34 27.90
CA SER A 170 7.07 31.68 28.24
C SER A 170 8.27 32.61 28.15
N GLN A 171 8.15 33.66 27.33
CA GLN A 171 9.25 34.59 27.16
C GLN A 171 9.72 35.15 28.50
N SER A 172 8.84 35.18 29.50
CA SER A 172 9.26 35.51 30.86
C SER A 172 10.18 34.44 31.43
N THR A 173 9.69 33.20 31.49
CA THR A 173 10.41 32.12 32.14
C THR A 173 11.72 31.84 31.40
N ASN A 174 12.52 30.93 31.97
CA ASN A 174 13.75 30.45 31.37
C ASN A 174 13.68 28.93 31.29
N GLN A 175 14.70 28.35 30.65
CA GLN A 175 14.77 26.90 30.47
C GLN A 175 13.61 26.39 29.63
N LEU A 176 13.91 25.48 28.71
CA LEU A 176 12.90 24.77 27.95
C LEU A 176 12.83 23.34 28.47
N ASP A 177 11.63 22.77 28.51
CA ASP A 177 11.45 21.43 29.02
C ASP A 177 12.45 20.48 28.36
N VAL A 178 12.22 20.20 27.08
CA VAL A 178 13.12 19.37 26.28
C VAL A 178 13.51 18.13 27.09
N GLY A 179 14.78 18.05 27.48
CA GLY A 179 15.25 16.92 28.25
C GLY A 179 15.61 15.72 27.38
N ASN A 180 16.58 14.94 27.83
CA ASN A 180 16.98 13.70 27.14
C ASN A 180 17.51 14.10 25.76
N ASN A 181 17.26 13.29 24.75
CA ASN A 181 17.72 13.56 23.40
C ASN A 181 16.74 14.47 22.67
N PRO A 182 17.18 15.17 21.62
CA PRO A 182 16.25 15.95 20.79
C PRO A 182 15.45 15.10 19.82
N ARG A 183 15.84 13.84 19.65
CA ARG A 183 15.24 12.96 18.65
C ARG A 183 14.09 12.17 19.28
N VAL A 184 13.06 12.92 19.67
CA VAL A 184 11.93 12.36 20.38
C VAL A 184 10.76 12.00 19.46
N GLY A 185 10.70 12.57 18.27
CA GLY A 185 9.56 12.40 17.39
C GLY A 185 9.67 11.23 16.46
N THR A 186 9.00 11.33 15.32
CA THR A 186 8.99 10.28 14.29
C THR A 186 10.15 10.52 13.34
N LYS A 187 11.02 9.52 13.20
CA LYS A 187 12.26 9.71 12.46
C LYS A 187 12.01 10.20 11.05
N ARG A 188 11.01 9.61 10.38
CA ARG A 188 10.70 9.97 9.00
C ARG A 188 10.46 11.46 8.83
N TYR A 189 9.92 12.13 9.85
CA TYR A 189 9.57 13.53 9.76
C TYR A 189 10.61 14.46 10.39
N MET A 190 11.73 13.92 10.90
CA MET A 190 12.68 14.73 11.63
C MET A 190 13.46 15.67 10.72
N ALA A 191 13.65 16.90 11.18
CA ALA A 191 14.45 17.87 10.44
C ALA A 191 15.93 17.51 10.49
N PRO A 192 16.71 18.02 9.53
CA PRO A 192 18.16 17.72 9.53
C PRO A 192 18.85 18.01 10.85
N GLU A 193 18.55 19.15 11.49
CA GLU A 193 19.24 19.52 12.70
C GLU A 193 18.90 18.60 13.88
N VAL A 194 17.76 17.90 13.82
CA VAL A 194 17.45 16.87 14.81
C VAL A 194 18.24 15.61 14.51
N LEU A 195 18.16 15.14 13.26
CA LEU A 195 18.84 13.91 12.87
C LEU A 195 20.33 13.97 13.17
N ASP A 196 20.98 15.08 12.84
CA ASP A 196 22.41 15.19 13.10
C ASP A 196 22.69 15.83 14.46
N GLU A 197 21.64 16.04 15.26
CA GLU A 197 21.80 16.47 16.65
C GLU A 197 22.62 17.74 16.78
N THR A 198 22.51 18.66 15.81
CA THR A 198 23.12 19.97 15.94
C THR A 198 22.12 21.03 16.38
N ILE A 199 20.84 20.67 16.52
CA ILE A 199 19.84 21.61 16.97
C ILE A 199 20.28 22.24 18.28
N GLN A 200 20.12 23.55 18.40
CA GLN A 200 20.43 24.22 19.66
C GLN A 200 19.27 23.96 20.61
N VAL A 201 19.49 23.01 21.53
CA VAL A 201 18.41 22.54 22.39
C VAL A 201 17.87 23.64 23.28
N ASP A 202 18.66 24.71 23.50
CA ASP A 202 18.30 25.79 24.39
C ASP A 202 17.46 26.88 23.74
N CYS A 203 17.34 26.88 22.41
CA CYS A 203 16.64 27.93 21.68
C CYS A 203 15.24 27.42 21.33
N PHE A 204 14.22 28.04 21.92
CA PHE A 204 12.87 27.55 21.69
C PHE A 204 12.49 27.67 20.22
N ASP A 205 12.94 28.73 19.55
CA ASP A 205 12.60 28.91 18.15
C ASP A 205 13.12 27.77 17.29
N SER A 206 14.17 27.07 17.73
CA SER A 206 14.65 25.90 17.00
C SER A 206 13.54 24.85 16.90
N TYR A 207 12.72 24.72 17.93
CA TYR A 207 11.67 23.70 17.94
C TYR A 207 10.51 24.09 17.03
N LYS A 208 10.18 25.39 16.96
CA LYS A 208 9.20 25.83 15.99
C LYS A 208 9.66 25.53 14.57
N ARG A 209 10.94 25.76 14.29
CA ARG A 209 11.44 25.51 12.94
C ARG A 209 11.45 24.03 12.61
N VAL A 210 11.55 23.19 13.63
CA VAL A 210 11.46 21.75 13.41
C VAL A 210 10.03 21.36 13.04
N ASP A 211 9.04 21.96 13.71
CA ASP A 211 7.64 21.75 13.33
C ASP A 211 7.38 22.17 11.89
N ILE A 212 8.03 23.25 11.44
CA ILE A 212 7.77 23.76 10.10
C ILE A 212 8.29 22.78 9.05
N TRP A 213 9.47 22.22 9.30
CA TRP A 213 9.96 21.16 8.43
C TRP A 213 8.92 20.05 8.30
N ALA A 214 8.40 19.58 9.42
CA ALA A 214 7.42 18.50 9.38
C ALA A 214 6.15 18.94 8.66
N PHE A 215 5.73 20.18 8.88
CA PHE A 215 4.56 20.70 8.18
C PHE A 215 4.76 20.65 6.68
N GLY A 216 5.96 21.02 6.20
CA GLY A 216 6.22 20.93 4.78
C GLY A 216 6.01 19.52 4.25
N LEU A 217 6.41 18.51 5.02
CA LEU A 217 6.20 17.14 4.62
C LEU A 217 4.71 16.80 4.58
N VAL A 218 3.95 17.29 5.57
CA VAL A 218 2.51 17.05 5.56
C VAL A 218 1.86 17.71 4.35
N LEU A 219 2.28 18.92 4.01
CA LEU A 219 1.75 19.56 2.80
C LEU A 219 1.96 18.69 1.58
N TRP A 220 3.14 18.09 1.46
CA TRP A 220 3.43 17.21 0.33
C TRP A 220 2.53 15.99 0.33
N GLU A 221 2.34 15.37 1.49
CA GLU A 221 1.42 14.24 1.59
C GLU A 221 0.04 14.59 1.08
N VAL A 222 -0.48 15.76 1.49
CA VAL A 222 -1.85 16.13 1.16
C VAL A 222 -1.96 16.49 -0.31
N ALA A 223 -1.00 17.27 -0.83
CA ALA A 223 -1.09 17.77 -2.20
C ALA A 223 -1.12 16.63 -3.21
N ARG A 224 -0.43 15.52 -2.90
CA ARG A 224 -0.45 14.36 -3.77
C ARG A 224 -1.85 13.85 -4.05
N ARG A 225 -2.78 14.06 -3.11
CA ARG A 225 -4.12 13.51 -3.22
C ARG A 225 -5.11 14.52 -3.78
N MET A 226 -4.65 15.71 -4.16
CA MET A 226 -5.53 16.68 -4.82
C MET A 226 -5.57 16.37 -6.31
N VAL A 227 -6.78 16.20 -6.84
CA VAL A 227 -6.95 15.84 -8.24
C VAL A 227 -6.75 17.08 -9.10
N SER A 228 -6.10 16.88 -10.25
CA SER A 228 -5.99 17.91 -11.28
C SER A 228 -6.13 17.21 -12.62
N ASN A 229 -7.07 17.67 -13.44
CA ASN A 229 -7.33 17.06 -14.75
C ASN A 229 -7.53 15.55 -14.64
N GLY A 230 -8.22 15.13 -13.58
CA GLY A 230 -8.41 13.71 -13.36
C GLY A 230 -7.16 12.94 -12.99
N ILE A 231 -6.07 13.63 -12.64
CA ILE A 231 -4.81 12.99 -12.25
C ILE A 231 -4.64 13.13 -10.74
N VAL A 232 -4.02 12.13 -10.14
CA VAL A 232 -3.72 12.17 -8.71
C VAL A 232 -2.63 11.13 -8.41
N GLU A 233 -1.88 11.36 -7.35
CA GLU A 233 -0.90 10.39 -6.87
C GLU A 233 -1.50 9.56 -5.74
N ASP A 234 -1.04 8.32 -5.63
CA ASP A 234 -1.41 7.48 -4.50
C ASP A 234 -0.82 8.05 -3.22
N TYR A 235 -1.44 7.72 -2.10
CA TYR A 235 -0.87 8.13 -0.83
C TYR A 235 0.48 7.46 -0.62
N LYS A 236 1.50 8.25 -0.27
CA LYS A 236 2.80 7.75 0.14
C LYS A 236 3.23 8.59 1.34
N PRO A 237 3.87 7.98 2.34
CA PRO A 237 4.49 8.77 3.40
C PRO A 237 5.74 9.47 2.87
N PRO A 238 6.15 10.56 3.51
CA PRO A 238 7.37 11.26 3.06
C PRO A 238 8.56 10.31 2.98
N PHE A 239 9.34 10.44 1.90
CA PHE A 239 10.56 9.68 1.66
C PHE A 239 10.33 8.19 1.46
N TYR A 240 9.07 7.79 1.18
CA TYR A 240 8.74 6.38 1.05
CA TYR A 240 8.76 6.37 1.06
C TYR A 240 9.70 5.66 0.10
N ASP A 241 10.11 6.32 -0.97
CA ASP A 241 10.90 5.65 -2.00
C ASP A 241 12.35 5.49 -1.60
N VAL A 242 12.89 6.42 -0.82
CA VAL A 242 14.34 6.44 -0.56
C VAL A 242 14.72 5.87 0.80
N VAL A 243 13.76 5.55 1.66
CA VAL A 243 14.08 4.95 2.96
C VAL A 243 13.13 3.80 3.23
N PRO A 244 13.55 2.85 4.07
CA PRO A 244 12.69 1.71 4.39
C PRO A 244 11.61 2.09 5.41
N ASN A 245 10.70 1.13 5.62
CA ASN A 245 9.74 1.29 6.71
C ASN A 245 10.47 1.23 8.05
N ASP A 246 9.95 1.97 9.02
CA ASP A 246 10.60 2.15 10.30
C ASP A 246 12.08 2.52 10.08
N PRO A 247 12.34 3.59 9.33
CA PRO A 247 13.73 3.91 8.99
C PRO A 247 14.54 4.26 10.23
N SER A 248 15.85 4.05 10.14
CA SER A 248 16.76 4.38 11.22
C SER A 248 17.23 5.83 11.09
N PHE A 249 17.89 6.31 12.15
CA PHE A 249 18.48 7.64 12.11
C PHE A 249 19.47 7.74 10.95
N GLU A 250 20.32 6.73 10.80
CA GLU A 250 21.36 6.78 9.78
C GLU A 250 20.74 6.85 8.39
N ASP A 251 19.66 6.09 8.16
CA ASP A 251 18.95 6.18 6.89
C ASP A 251 18.54 7.61 6.61
N MET A 252 17.92 8.26 7.60
CA MET A 252 17.40 9.61 7.39
C MET A 252 18.52 10.62 7.23
N ARG A 253 19.62 10.45 7.97
CA ARG A 253 20.70 11.42 7.91
C ARG A 253 21.30 11.49 6.51
N LYS A 254 21.56 10.32 5.91
CA LYS A 254 22.17 10.32 4.59
C LYS A 254 21.27 11.01 3.57
N VAL A 255 19.96 10.76 3.63
CA VAL A 255 19.04 11.35 2.67
C VAL A 255 18.93 12.86 2.90
N VAL A 256 18.69 13.27 4.14
CA VAL A 256 18.31 14.65 4.42
C VAL A 256 19.50 15.53 4.79
N CYS A 257 20.50 14.97 5.47
CA CYS A 257 21.65 15.75 5.87
C CYS A 257 22.77 15.69 4.84
N VAL A 258 23.16 14.49 4.43
CA VAL A 258 24.30 14.34 3.52
C VAL A 258 23.90 14.68 2.10
N ASP A 259 22.92 13.94 1.56
CA ASP A 259 22.44 14.24 0.21
C ASP A 259 21.59 15.49 0.16
N GLN A 260 20.95 15.84 1.27
CA GLN A 260 20.02 16.96 1.31
C GLN A 260 18.88 16.75 0.32
N GLN A 261 18.36 15.53 0.29
CA GLN A 261 17.21 15.21 -0.53
C GLN A 261 15.92 15.72 0.12
N ARG A 262 14.91 15.92 -0.71
CA ARG A 262 13.59 16.32 -0.28
C ARG A 262 12.60 15.49 -1.06
N PRO A 263 11.35 15.40 -0.61
CA PRO A 263 10.35 14.66 -1.38
C PRO A 263 10.25 15.22 -2.79
N ASN A 264 10.08 14.33 -3.77
CA ASN A 264 10.02 14.73 -5.17
C ASN A 264 8.65 15.34 -5.50
N ILE A 265 8.65 16.35 -6.35
CA ILE A 265 7.44 17.04 -6.76
C ILE A 265 6.92 16.36 -8.02
N PRO A 266 5.72 15.80 -8.03
CA PRO A 266 5.17 15.24 -9.27
C PRO A 266 5.08 16.31 -10.35
N ASN A 267 5.52 15.95 -11.56
CA ASN A 267 5.51 16.90 -12.67
C ASN A 267 4.13 17.53 -12.87
N ARG A 268 3.07 16.74 -12.70
CA ARG A 268 1.75 17.24 -13.03
C ARG A 268 1.32 18.40 -12.13
N TRP A 269 1.97 18.60 -10.98
CA TRP A 269 1.60 19.72 -10.12
C TRP A 269 1.78 21.05 -10.85
N PHE A 270 2.72 21.12 -11.79
CA PHE A 270 2.98 22.35 -12.53
C PHE A 270 2.04 22.54 -13.70
N SER A 271 0.99 21.72 -13.81
CA SER A 271 -0.13 22.00 -14.70
C SER A 271 -1.28 22.65 -13.96
N ASP A 272 -1.16 22.84 -12.64
CA ASP A 272 -2.24 23.38 -11.83
C ASP A 272 -1.75 24.54 -11.00
N PRO A 273 -2.46 25.67 -11.00
CA PRO A 273 -1.99 26.82 -10.20
C PRO A 273 -1.85 26.52 -8.72
N THR A 274 -2.86 25.89 -8.11
CA THR A 274 -2.80 25.64 -6.68
C THR A 274 -1.62 24.75 -6.32
N LEU A 275 -1.47 23.63 -7.02
CA LEU A 275 -0.38 22.71 -6.71
C LEU A 275 0.98 23.34 -6.98
N THR A 276 1.08 24.17 -8.02
CA THR A 276 2.31 24.92 -8.23
C THR A 276 2.62 25.81 -7.03
N SER A 277 1.61 26.51 -6.49
CA SER A 277 1.85 27.36 -5.32
C SER A 277 2.22 26.52 -4.10
N LEU A 278 1.56 25.37 -3.92
CA LEU A 278 1.89 24.53 -2.76
C LEU A 278 3.30 23.97 -2.86
N ALA A 279 3.73 23.59 -4.06
CA ALA A 279 5.10 23.09 -4.23
C ALA A 279 6.11 24.13 -3.75
N LYS A 280 5.90 25.39 -4.15
CA LYS A 280 6.81 26.45 -3.73
C LYS A 280 6.76 26.63 -2.23
N LEU A 281 5.56 26.51 -1.65
CA LEU A 281 5.40 26.70 -0.21
C LEU A 281 6.13 25.62 0.56
N MET A 282 5.99 24.36 0.14
CA MET A 282 6.62 23.30 0.91
C MET A 282 8.14 23.39 0.81
N LYS A 283 8.67 23.83 -0.35
CA LYS A 283 10.11 23.99 -0.46
C LYS A 283 10.64 25.06 0.49
N GLU A 284 9.82 26.07 0.81
CA GLU A 284 10.21 27.09 1.77
C GLU A 284 10.05 26.61 3.22
N CYS A 285 9.52 25.41 3.42
CA CYS A 285 9.50 24.76 4.72
C CYS A 285 10.67 23.80 4.91
N TRP A 286 11.39 23.47 3.85
CA TRP A 286 12.40 22.42 3.86
C TRP A 286 13.82 22.94 3.72
N TYR A 287 14.05 24.24 3.90
CA TYR A 287 15.41 24.75 3.82
C TYR A 287 16.31 24.01 4.80
N GLN A 288 17.52 23.67 4.36
CA GLN A 288 18.50 23.09 5.27
C GLN A 288 18.75 24.02 6.45
N ASN A 289 18.88 25.31 6.18
CA ASN A 289 19.07 26.31 7.23
C ASN A 289 17.75 26.54 7.95
N PRO A 290 17.59 26.13 9.21
CA PRO A 290 16.28 26.27 9.86
C PRO A 290 15.78 27.70 9.90
N SER A 291 16.68 28.68 10.04
CA SER A 291 16.25 30.08 10.13
C SER A 291 15.71 30.62 8.81
N ALA A 292 15.93 29.92 7.69
CA ALA A 292 15.37 30.34 6.42
C ALA A 292 13.93 29.87 6.24
N ARG A 293 13.47 28.91 7.03
CA ARG A 293 12.13 28.37 6.87
C ARG A 293 11.07 29.42 7.22
N LEU A 294 9.96 29.38 6.49
CA LEU A 294 8.85 30.26 6.78
C LEU A 294 8.33 29.99 8.19
N THR A 295 7.71 31.01 8.79
CA THR A 295 6.98 30.83 10.03
C THR A 295 5.57 30.30 9.75
N ALA A 296 4.94 29.78 10.80
CA ALA A 296 3.58 29.27 10.63
C ALA A 296 2.63 30.37 10.18
N LEU A 297 2.81 31.59 10.69
CA LEU A 297 1.93 32.69 10.29
C LEU A 297 2.14 33.07 8.82
N ARG A 298 3.40 33.03 8.35
CA ARG A 298 3.65 33.32 6.95
C ARG A 298 3.02 32.26 6.05
N ILE A 299 3.10 30.99 6.47
CA ILE A 299 2.46 29.91 5.72
C ILE A 299 0.95 30.12 5.68
N LYS A 300 0.37 30.41 6.84
CA LYS A 300 -1.06 30.67 6.92
C LYS A 300 -1.46 31.78 5.94
N LYS A 301 -0.70 32.87 5.96
CA LYS A 301 -0.99 34.00 5.08
C LYS A 301 -0.93 33.59 3.63
N THR A 302 0.15 32.90 3.24
CA THR A 302 0.28 32.47 1.85
C THR A 302 -0.89 31.58 1.45
N LEU A 303 -1.27 30.64 2.32
CA LEU A 303 -2.37 29.74 1.99
C LEU A 303 -3.69 30.49 1.86
N THR A 304 -3.90 31.52 2.69
CA THR A 304 -5.14 32.28 2.59
C THR A 304 -5.23 33.02 1.26
N LYS A 305 -4.10 33.40 0.67
CA LYS A 305 -4.12 34.10 -0.60
C LYS A 305 -4.28 33.16 -1.78
N ILE A 306 -3.92 31.89 -1.64
CA ILE A 306 -4.13 30.93 -2.71
C ILE A 306 -5.62 30.60 -2.83
N ASP A 307 -6.05 30.34 -4.05
CA ASP A 307 -7.45 30.02 -4.31
C ASP A 307 -7.59 29.06 -5.48
N VAL B 8 -14.46 -18.97 13.53
CA VAL B 8 -13.98 -19.63 12.33
C VAL B 8 -14.09 -18.73 11.10
N GLN B 9 -15.06 -17.81 11.14
CA GLN B 9 -15.36 -16.93 10.02
C GLN B 9 -16.15 -17.69 8.97
N ARG B 10 -15.67 -18.87 8.60
CA ARG B 10 -16.32 -19.74 7.62
C ARG B 10 -15.41 -20.91 7.32
N THR B 11 -15.13 -21.73 8.34
CA THR B 11 -14.26 -22.90 8.19
C THR B 11 -15.11 -24.10 7.81
N VAL B 12 -15.68 -24.02 6.60
CA VAL B 12 -16.63 -25.03 6.16
C VAL B 12 -16.24 -25.58 4.79
N ALA B 13 -15.36 -26.57 4.77
CA ALA B 13 -15.31 -27.49 3.65
C ALA B 13 -16.38 -28.57 3.78
N ARG B 14 -17.12 -28.55 4.89
CA ARG B 14 -18.19 -29.52 5.11
C ARG B 14 -19.40 -29.21 4.23
N GLN B 15 -19.63 -27.93 3.93
CA GLN B 15 -20.78 -27.53 3.12
C GLN B 15 -20.60 -27.85 1.65
N ILE B 16 -19.43 -28.31 1.24
CA ILE B 16 -19.09 -28.46 -0.18
C ILE B 16 -19.22 -29.92 -0.57
N THR B 17 -19.97 -30.16 -1.64
CA THR B 17 -20.05 -31.47 -2.28
C THR B 17 -19.22 -31.43 -3.57
N LEU B 18 -18.34 -32.41 -3.73
CA LEU B 18 -17.54 -32.52 -4.95
C LEU B 18 -18.37 -33.21 -6.03
N LEU B 19 -18.48 -32.56 -7.19
CA LEU B 19 -19.37 -33.04 -8.25
C LEU B 19 -18.62 -33.71 -9.41
N GLU B 20 -17.55 -33.10 -9.89
CA GLU B 20 -16.77 -33.72 -10.96
C GLU B 20 -15.34 -33.22 -10.90
N CYS B 21 -14.40 -34.13 -11.11
CA CYS B 21 -12.99 -33.77 -11.18
C CYS B 21 -12.70 -33.19 -12.57
N VAL B 22 -12.26 -31.95 -12.62
CA VAL B 22 -12.01 -31.25 -13.87
C VAL B 22 -10.52 -31.12 -14.16
N GLY B 23 -9.68 -31.66 -13.29
CA GLY B 23 -8.25 -31.58 -13.47
C GLY B 23 -7.57 -32.50 -12.49
N LYS B 24 -6.47 -33.12 -12.91
CA LYS B 24 -5.77 -34.05 -12.04
C LYS B 24 -4.35 -34.20 -12.55
N GLY B 25 -3.40 -33.95 -11.68
CA GLY B 25 -2.00 -34.05 -12.05
C GLY B 25 -1.13 -34.15 -10.82
N ARG B 26 0.16 -33.85 -11.01
CA ARG B 26 1.09 -33.95 -9.89
C ARG B 26 0.77 -32.93 -8.81
N TYR B 27 0.13 -31.81 -9.19
CA TYR B 27 -0.30 -30.81 -8.20
C TYR B 27 -1.40 -31.33 -7.30
N GLY B 28 -2.06 -32.42 -7.68
CA GLY B 28 -3.21 -32.92 -6.95
C GLY B 28 -4.42 -33.05 -7.85
N GLU B 29 -5.53 -32.44 -7.46
CA GLU B 29 -6.79 -32.53 -8.19
C GLU B 29 -7.53 -31.21 -8.08
N VAL B 30 -8.29 -30.89 -9.14
CA VAL B 30 -9.22 -29.77 -9.13
C VAL B 30 -10.60 -30.31 -9.44
N TRP B 31 -11.58 -29.89 -8.65
CA TRP B 31 -12.94 -30.36 -8.74
C TRP B 31 -13.89 -29.18 -8.92
N ARG B 32 -14.95 -29.42 -9.67
CA ARG B 32 -16.14 -28.59 -9.57
C ARG B 32 -16.91 -29.05 -8.34
N GLY B 33 -17.12 -28.15 -7.39
CA GLY B 33 -17.89 -28.43 -6.21
C GLY B 33 -19.13 -27.56 -6.13
N SER B 34 -20.01 -27.89 -5.20
CA SER B 34 -21.21 -27.11 -4.94
C SER B 34 -21.16 -26.64 -3.49
N TRP B 35 -21.28 -25.33 -3.30
CA TRP B 35 -21.38 -24.75 -1.96
C TRP B 35 -22.70 -23.99 -1.92
N GLN B 36 -23.67 -24.52 -1.18
CA GLN B 36 -24.99 -23.92 -1.12
C GLN B 36 -25.58 -23.82 -2.53
N GLY B 37 -25.36 -24.86 -3.33
CA GLY B 37 -25.86 -24.88 -4.68
C GLY B 37 -25.12 -23.99 -5.67
N GLU B 38 -24.01 -23.39 -5.24
CA GLU B 38 -23.19 -22.56 -6.11
C GLU B 38 -21.94 -23.34 -6.49
N ASN B 39 -21.58 -23.30 -7.78
CA ASN B 39 -20.35 -23.94 -8.22
C ASN B 39 -19.15 -23.25 -7.59
N VAL B 40 -18.18 -24.05 -7.14
CA VAL B 40 -16.88 -23.56 -6.71
C VAL B 40 -15.84 -24.50 -7.29
N ALA B 41 -14.63 -23.97 -7.46
CA ALA B 41 -13.47 -24.77 -7.82
C ALA B 41 -12.75 -25.14 -6.53
N VAL B 42 -12.48 -26.43 -6.36
CA VAL B 42 -11.75 -26.93 -5.20
C VAL B 42 -10.49 -27.59 -5.70
N LYS B 43 -9.34 -27.05 -5.31
CA LYS B 43 -8.06 -27.68 -5.57
C LYS B 43 -7.65 -28.44 -4.32
N ILE B 44 -7.44 -29.75 -4.46
CA ILE B 44 -6.98 -30.62 -3.40
C ILE B 44 -5.52 -30.92 -3.69
N PHE B 45 -4.63 -30.35 -2.87
CA PHE B 45 -3.21 -30.36 -3.18
C PHE B 45 -2.60 -31.72 -2.90
N SER B 46 -1.67 -32.13 -3.76
CA SER B 46 -0.81 -33.26 -3.48
C SER B 46 0.10 -32.93 -2.31
N SER B 47 0.56 -33.98 -1.62
CA SER B 47 1.52 -33.77 -0.53
C SER B 47 2.74 -33.02 -1.02
N ARG B 48 3.15 -33.27 -2.27
CA ARG B 48 4.37 -32.63 -2.79
C ARG B 48 4.23 -31.12 -2.85
N ASP B 49 3.03 -30.61 -3.12
CA ASP B 49 2.80 -29.18 -3.25
C ASP B 49 2.18 -28.59 -1.99
N GLU B 50 2.32 -29.25 -0.83
CA GLU B 50 1.68 -28.78 0.39
C GLU B 50 2.13 -27.37 0.75
N LYS B 51 3.43 -27.08 0.58
CA LYS B 51 3.88 -25.73 0.95
C LYS B 51 3.31 -24.68 0.01
N SER B 52 2.99 -25.05 -1.24
CA SER B 52 2.30 -24.13 -2.13
C SER B 52 0.90 -23.80 -1.64
N TRP B 53 0.17 -24.80 -1.11
CA TRP B 53 -1.13 -24.51 -0.52
C TRP B 53 -1.01 -23.48 0.59
N PHE B 54 -0.01 -23.63 1.45
CA PHE B 54 0.09 -22.73 2.58
C PHE B 54 0.42 -21.31 2.11
N ARG B 55 1.39 -21.18 1.21
CA ARG B 55 1.78 -19.86 0.74
C ARG B 55 0.64 -19.17 0.02
N GLU B 56 -0.08 -19.91 -0.82
CA GLU B 56 -1.23 -19.34 -1.52
C GLU B 56 -2.34 -18.96 -0.55
N THR B 57 -2.62 -19.82 0.42
CA THR B 57 -3.63 -19.51 1.42
C THR B 57 -3.27 -18.24 2.16
N GLU B 58 -2.02 -18.11 2.59
CA GLU B 58 -1.63 -16.96 3.42
C GLU B 58 -1.58 -15.68 2.59
N LEU B 59 -1.17 -15.78 1.34
CA LEU B 59 -1.21 -14.61 0.46
C LEU B 59 -2.64 -14.10 0.32
N TYR B 60 -3.56 -14.99 -0.01
CA TYR B 60 -4.95 -14.59 -0.20
C TYR B 60 -5.59 -14.09 1.09
N ASN B 61 -5.22 -14.68 2.23
CA ASN B 61 -5.83 -14.29 3.50
C ASN B 61 -5.25 -13.01 4.09
N THR B 62 -4.09 -12.54 3.63
CA THR B 62 -3.45 -11.38 4.20
C THR B 62 -3.35 -10.20 3.24
N VAL B 63 -3.54 -10.40 1.95
CA VAL B 63 -3.48 -9.33 0.95
C VAL B 63 -4.86 -9.20 0.33
N MET B 64 -5.33 -7.96 0.21
CA MET B 64 -6.58 -7.69 -0.51
C MET B 64 -6.28 -7.82 -2.00
N LEU B 65 -6.55 -9.00 -2.56
CA LEU B 65 -6.18 -9.31 -3.94
C LEU B 65 -7.41 -9.58 -4.79
N ARG B 66 -8.46 -8.78 -4.60
CA ARG B 66 -9.65 -8.86 -5.42
C ARG B 66 -9.47 -7.98 -6.66
N HIS B 67 -9.48 -8.61 -7.83
CA HIS B 67 -9.31 -7.95 -9.10
C HIS B 67 -9.96 -8.84 -10.15
N GLU B 68 -10.66 -8.22 -11.11
CA GLU B 68 -11.38 -8.99 -12.12
C GLU B 68 -10.49 -10.02 -12.80
N ASN B 69 -9.19 -9.77 -12.87
CA ASN B 69 -8.30 -10.61 -13.66
C ASN B 69 -7.34 -11.41 -12.79
N ILE B 70 -7.69 -11.62 -11.52
CA ILE B 70 -7.00 -12.55 -10.63
C ILE B 70 -8.03 -13.52 -10.07
N LEU B 71 -7.70 -14.81 -10.05
CA LEU B 71 -8.66 -15.81 -9.57
C LEU B 71 -9.16 -15.45 -8.18
N GLY B 72 -10.49 -15.40 -8.03
CA GLY B 72 -11.10 -15.00 -6.79
C GLY B 72 -11.07 -16.10 -5.75
N PHE B 73 -10.48 -15.81 -4.60
CA PHE B 73 -10.35 -16.76 -3.50
C PHE B 73 -11.61 -16.76 -2.65
N ILE B 74 -12.03 -17.94 -2.21
CA ILE B 74 -13.17 -18.07 -1.31
C ILE B 74 -12.72 -18.52 0.08
N ALA B 75 -12.04 -19.65 0.16
CA ALA B 75 -11.63 -20.17 1.46
C ALA B 75 -10.52 -21.19 1.26
N SER B 76 -9.83 -21.48 2.36
CA SER B 76 -8.88 -22.57 2.43
C SER B 76 -9.23 -23.41 3.64
N ASP B 77 -8.98 -24.71 3.57
CA ASP B 77 -9.29 -25.55 4.72
C ASP B 77 -8.39 -26.76 4.73
N MET B 78 -8.21 -27.32 5.92
CA MET B 78 -7.46 -28.55 6.15
CA MET B 78 -7.47 -28.54 6.15
C MET B 78 -8.45 -29.58 6.66
N THR B 79 -9.20 -30.19 5.74
CA THR B 79 -10.22 -31.16 6.09
C THR B 79 -9.62 -32.55 6.14
N SER B 80 -10.01 -33.31 7.17
CA SER B 80 -9.57 -34.69 7.33
C SER B 80 -10.54 -35.60 6.58
N ARG B 81 -10.09 -36.14 5.46
CA ARG B 81 -10.93 -37.02 4.65
CA ARG B 81 -10.93 -37.02 4.65
C ARG B 81 -10.06 -38.11 4.03
N HIS B 82 -10.68 -39.25 3.76
CA HIS B 82 -10.02 -40.36 3.08
C HIS B 82 -8.77 -40.83 3.83
N SER B 83 -8.94 -41.12 5.12
CA SER B 83 -7.91 -41.66 5.99
C SER B 83 -6.74 -40.71 6.20
N SER B 84 -6.78 -39.51 5.63
CA SER B 84 -5.63 -38.62 5.63
C SER B 84 -6.12 -37.18 5.80
N THR B 85 -5.16 -36.27 5.88
CA THR B 85 -5.46 -34.84 5.92
C THR B 85 -5.43 -34.29 4.50
N GLN B 86 -6.48 -33.56 4.13
CA GLN B 86 -6.59 -32.95 2.82
C GLN B 86 -6.41 -31.45 2.94
N LEU B 87 -5.64 -30.88 2.02
CA LEU B 87 -5.44 -29.44 1.93
C LEU B 87 -6.26 -28.90 0.76
N TRP B 88 -7.25 -28.07 1.06
CA TRP B 88 -8.20 -27.57 0.07
C TRP B 88 -8.00 -26.07 -0.14
N LEU B 89 -8.01 -25.65 -1.40
CA LEU B 89 -8.14 -24.25 -1.79
C LEU B 89 -9.44 -24.13 -2.58
N ILE B 90 -10.32 -23.24 -2.13
CA ILE B 90 -11.64 -23.08 -2.75
C ILE B 90 -11.70 -21.70 -3.39
N THR B 91 -12.05 -21.65 -4.67
CA THR B 91 -12.08 -20.41 -5.43
C THR B 91 -13.34 -20.33 -6.28
N HIS B 92 -13.54 -19.17 -6.91
N HIS B 92 -13.54 -19.18 -6.91
CA HIS B 92 -14.57 -19.05 -7.92
CA HIS B 92 -14.58 -19.07 -7.90
C HIS B 92 -14.37 -20.12 -8.98
C HIS B 92 -14.37 -20.12 -8.98
N TYR B 93 -15.47 -20.59 -9.55
CA TYR B 93 -15.45 -21.62 -10.59
C TYR B 93 -15.65 -20.98 -11.94
N HIS B 94 -14.65 -21.09 -12.81
CA HIS B 94 -14.75 -20.61 -14.19
C HIS B 94 -14.97 -21.81 -15.08
N GLU B 95 -16.22 -22.00 -15.51
CA GLU B 95 -16.60 -23.23 -16.23
C GLU B 95 -15.85 -23.45 -17.54
N MET B 96 -15.26 -22.40 -18.12
N MET B 96 -15.26 -22.40 -18.12
CA MET B 96 -14.55 -22.58 -19.38
CA MET B 96 -14.53 -22.59 -19.37
C MET B 96 -13.13 -23.12 -19.18
C MET B 96 -13.15 -23.20 -19.15
N GLY B 97 -12.63 -23.13 -17.94
CA GLY B 97 -11.36 -23.76 -17.67
C GLY B 97 -10.19 -22.92 -18.10
N SER B 98 -9.08 -23.62 -18.35
CA SER B 98 -7.81 -22.95 -18.54
C SER B 98 -7.72 -22.38 -19.95
N LEU B 99 -6.97 -21.28 -20.07
CA LEU B 99 -6.65 -20.73 -21.38
C LEU B 99 -5.97 -21.77 -22.25
N TYR B 100 -5.10 -22.59 -21.65
CA TYR B 100 -4.44 -23.66 -22.38
C TYR B 100 -5.45 -24.57 -23.08
N ASP B 101 -6.48 -25.02 -22.36
CA ASP B 101 -7.44 -25.92 -22.99
C ASP B 101 -8.34 -25.16 -23.97
N TYR B 102 -8.77 -23.96 -23.60
CA TYR B 102 -9.64 -23.16 -24.44
C TYR B 102 -9.03 -22.92 -25.82
N LEU B 103 -7.76 -22.51 -25.85
CA LEU B 103 -7.10 -22.20 -27.10
C LEU B 103 -7.02 -23.40 -28.04
N GLN B 104 -7.15 -24.61 -27.53
CA GLN B 104 -7.15 -25.78 -28.39
C GLN B 104 -8.53 -26.12 -28.93
N LEU B 105 -9.58 -25.51 -28.39
CA LEU B 105 -10.94 -25.78 -28.81
C LEU B 105 -11.46 -24.80 -29.87
N THR B 106 -10.87 -23.61 -29.96
CA THR B 106 -11.45 -22.58 -30.80
C THR B 106 -10.38 -21.61 -31.25
N THR B 107 -10.71 -20.86 -32.28
CA THR B 107 -9.90 -19.73 -32.73
C THR B 107 -10.52 -18.42 -32.22
N LEU B 108 -9.81 -17.33 -32.46
CA LEU B 108 -10.15 -16.02 -31.92
C LEU B 108 -10.30 -15.02 -33.06
N ASP B 109 -11.16 -14.04 -32.87
CA ASP B 109 -11.17 -12.87 -33.73
C ASP B 109 -10.36 -11.77 -33.04
N THR B 110 -10.28 -10.61 -33.70
CA THR B 110 -9.44 -9.54 -33.19
C THR B 110 -9.88 -9.09 -31.81
N VAL B 111 -11.19 -8.90 -31.61
CA VAL B 111 -11.69 -8.45 -30.33
C VAL B 111 -11.40 -9.47 -29.24
N SER B 112 -11.74 -10.74 -29.49
CA SER B 112 -11.59 -11.75 -28.45
C SER B 112 -10.12 -11.95 -28.09
N CYS B 113 -9.24 -11.85 -29.09
CA CYS B 113 -7.81 -11.97 -28.83
C CYS B 113 -7.31 -10.84 -27.96
N LEU B 114 -7.66 -9.60 -28.31
CA LEU B 114 -7.17 -8.47 -27.54
C LEU B 114 -7.77 -8.47 -26.13
N ARG B 115 -9.04 -8.85 -26.00
CA ARG B 115 -9.65 -8.92 -24.68
C ARG B 115 -8.89 -9.91 -23.80
N ILE B 116 -8.47 -11.03 -24.37
CA ILE B 116 -7.71 -12.01 -23.59
C ILE B 116 -6.38 -11.44 -23.14
N VAL B 117 -5.60 -10.93 -24.09
CA VAL B 117 -4.24 -10.52 -23.74
C VAL B 117 -4.27 -9.28 -22.85
N LEU B 118 -5.15 -8.33 -23.15
CA LEU B 118 -5.26 -7.16 -22.28
C LEU B 118 -5.66 -7.57 -20.88
N SER B 119 -6.57 -8.54 -20.75
CA SER B 119 -7.02 -8.92 -19.42
C SER B 119 -5.90 -9.57 -18.62
N ILE B 120 -5.06 -10.38 -19.28
CA ILE B 120 -3.91 -10.95 -18.58
C ILE B 120 -2.94 -9.85 -18.17
N ALA B 121 -2.66 -8.92 -19.08
CA ALA B 121 -1.78 -7.81 -18.75
C ALA B 121 -2.34 -7.00 -17.57
N SER B 122 -3.64 -6.78 -17.55
CA SER B 122 -4.24 -6.02 -16.46
C SER B 122 -4.06 -6.75 -15.14
N GLY B 123 -4.31 -8.07 -15.14
CA GLY B 123 -4.11 -8.84 -13.93
C GLY B 123 -2.66 -8.88 -13.49
N LEU B 124 -1.74 -9.00 -14.44
CA LEU B 124 -0.34 -9.02 -14.08
C LEU B 124 0.12 -7.67 -13.54
N ALA B 125 -0.32 -6.58 -14.16
CA ALA B 125 0.05 -5.26 -13.66
C ALA B 125 -0.45 -5.06 -12.23
N HIS B 126 -1.68 -5.48 -11.96
CA HIS B 126 -2.21 -5.35 -10.60
C HIS B 126 -1.42 -6.21 -9.61
N LEU B 127 -1.01 -7.40 -10.04
CA LEU B 127 -0.15 -8.23 -9.19
C LEU B 127 1.17 -7.52 -8.90
N HIS B 128 1.77 -6.94 -9.94
CA HIS B 128 3.11 -6.40 -9.81
C HIS B 128 3.14 -5.11 -9.00
N ILE B 129 2.07 -4.33 -9.04
CA ILE B 129 2.11 -2.99 -8.47
C ILE B 129 2.08 -3.07 -6.95
N GLU B 130 2.97 -2.32 -6.31
CA GLU B 130 2.89 -2.13 -4.87
C GLU B 130 2.00 -0.92 -4.59
N ILE B 131 1.03 -1.09 -3.69
CA ILE B 131 0.17 0.00 -3.27
C ILE B 131 0.32 0.13 -1.76
N PHE B 132 0.74 1.31 -1.31
CA PHE B 132 0.96 1.52 0.11
C PHE B 132 -0.34 1.55 0.89
N GLY B 133 -0.28 1.09 2.14
CA GLY B 133 -1.33 1.32 3.10
C GLY B 133 -2.25 0.12 3.23
N THR B 134 -3.11 0.21 4.25
CA THR B 134 -4.12 -0.82 4.44
C THR B 134 -5.08 -0.92 3.25
N GLN B 135 -5.18 0.15 2.45
N GLN B 135 -5.18 0.14 2.45
CA GLN B 135 -5.99 0.13 1.23
CA GLN B 135 -5.99 0.09 1.24
C GLN B 135 -5.22 -0.41 0.03
C GLN B 135 -5.26 -0.51 0.05
N GLY B 136 -4.00 -0.93 0.23
CA GLY B 136 -3.19 -1.37 -0.88
C GLY B 136 -2.75 -2.82 -0.84
N LYS B 137 -1.51 -3.07 -1.25
CA LYS B 137 -1.03 -4.43 -1.40
C LYS B 137 0.48 -4.41 -1.62
N PRO B 138 1.20 -5.43 -1.16
CA PRO B 138 2.59 -5.58 -1.58
C PRO B 138 2.66 -5.90 -3.07
N ALA B 139 3.81 -5.62 -3.65
CA ALA B 139 4.08 -6.11 -5.01
C ALA B 139 4.18 -7.62 -4.97
N ILE B 140 3.73 -8.27 -6.06
CA ILE B 140 3.70 -9.71 -6.16
C ILE B 140 4.24 -10.11 -7.53
N ALA B 141 5.20 -11.02 -7.54
CA ALA B 141 5.65 -11.68 -8.77
C ALA B 141 5.10 -13.10 -8.76
N HIS B 142 4.57 -13.53 -9.90
CA HIS B 142 3.85 -14.79 -10.00
C HIS B 142 4.80 -15.99 -10.00
N ARG B 143 5.82 -15.94 -10.85
CA ARG B 143 6.87 -16.94 -11.00
C ARG B 143 6.43 -18.25 -11.66
N ASP B 144 5.17 -18.39 -12.05
CA ASP B 144 4.78 -19.56 -12.83
C ASP B 144 3.70 -19.19 -13.83
N LEU B 145 3.84 -18.03 -14.46
CA LEU B 145 2.84 -17.58 -15.41
C LEU B 145 2.91 -18.44 -16.67
N LYS B 146 1.76 -18.96 -17.09
CA LYS B 146 1.65 -19.75 -18.31
C LYS B 146 0.17 -19.95 -18.59
N SER B 147 -0.11 -20.54 -19.75
CA SER B 147 -1.50 -20.65 -20.20
C SER B 147 -2.30 -21.62 -19.36
N LYS B 148 -1.64 -22.61 -18.76
CA LYS B 148 -2.34 -23.52 -17.85
C LYS B 148 -2.68 -22.87 -16.51
N ASN B 149 -2.04 -21.76 -16.17
CA ASN B 149 -2.33 -21.04 -14.93
C ASN B 149 -3.13 -19.76 -15.19
N ILE B 150 -3.88 -19.73 -16.29
CA ILE B 150 -4.78 -18.63 -16.63
C ILE B 150 -6.13 -19.25 -16.95
N LEU B 151 -7.19 -18.71 -16.35
CA LEU B 151 -8.55 -19.20 -16.59
C LEU B 151 -9.32 -18.20 -17.43
N VAL B 152 -10.25 -18.72 -18.23
CA VAL B 152 -11.06 -17.90 -19.13
C VAL B 152 -12.44 -17.75 -18.54
N LYS B 153 -12.99 -16.53 -18.66
CA LYS B 153 -14.33 -16.19 -18.21
C LYS B 153 -15.28 -16.10 -19.40
N LYS B 154 -16.58 -16.19 -19.11
CA LYS B 154 -17.59 -16.14 -20.17
C LYS B 154 -17.57 -14.82 -20.91
N ASN B 155 -17.23 -13.71 -20.24
CA ASN B 155 -17.18 -12.42 -20.90
C ASN B 155 -15.93 -12.24 -21.76
N GLY B 156 -15.10 -13.27 -21.89
CA GLY B 156 -13.95 -13.22 -22.76
C GLY B 156 -12.68 -12.71 -22.10
N GLN B 157 -12.77 -12.16 -20.90
CA GLN B 157 -11.57 -11.86 -20.14
C GLN B 157 -11.04 -13.12 -19.48
N CYS B 158 -9.81 -13.03 -18.99
CA CYS B 158 -9.12 -14.08 -18.28
C CYS B 158 -8.82 -13.62 -16.86
N CYS B 159 -8.45 -14.57 -16.01
CA CYS B 159 -7.88 -14.24 -14.71
C CYS B 159 -6.70 -15.14 -14.43
N ILE B 160 -5.70 -14.58 -13.77
CA ILE B 160 -4.48 -15.30 -13.46
C ILE B 160 -4.69 -16.15 -12.22
N ALA B 161 -4.21 -17.39 -12.26
CA ALA B 161 -4.42 -18.36 -11.19
C ALA B 161 -3.08 -18.90 -10.70
N ASP B 162 -3.15 -19.54 -9.53
CA ASP B 162 -2.05 -20.32 -8.95
C ASP B 162 -0.95 -19.42 -8.42
N LEU B 163 -1.13 -18.94 -7.19
CA LEU B 163 -0.18 -18.03 -6.56
C LEU B 163 0.74 -18.75 -5.58
N GLY B 164 0.90 -20.07 -5.73
CA GLY B 164 1.65 -20.85 -4.74
C GLY B 164 3.14 -20.68 -4.79
N LEU B 165 3.69 -20.19 -5.91
CA LEU B 165 5.10 -19.84 -6.00
C LEU B 165 5.33 -18.34 -5.96
N ALA B 166 4.29 -17.55 -5.73
CA ALA B 166 4.42 -16.11 -5.80
C ALA B 166 5.33 -15.60 -4.68
N VAL B 167 6.04 -14.52 -4.99
CA VAL B 167 6.89 -13.84 -4.02
C VAL B 167 6.41 -12.40 -3.89
N MET B 168 6.38 -11.90 -2.66
CA MET B 168 5.85 -10.59 -2.35
C MET B 168 6.97 -9.66 -1.89
N HIS B 169 6.77 -8.37 -2.14
CA HIS B 169 7.74 -7.36 -1.77
C HIS B 169 7.05 -6.08 -1.33
N SER B 170 7.54 -5.51 -0.24
CA SER B 170 7.17 -4.17 0.18
C SER B 170 8.38 -3.57 0.87
N GLN B 171 8.21 -2.35 1.39
CA GLN B 171 9.28 -1.69 2.13
C GLN B 171 9.33 -2.12 3.59
N SER B 172 8.52 -3.10 3.99
CA SER B 172 8.59 -3.62 5.35
C SER B 172 9.81 -4.49 5.55
N THR B 173 10.24 -5.20 4.50
CA THR B 173 11.45 -6.01 4.57
C THR B 173 12.07 -6.10 3.20
N ASN B 174 13.41 -6.20 3.17
CA ASN B 174 14.14 -6.48 1.95
C ASN B 174 14.55 -7.94 1.84
N GLN B 175 13.96 -8.81 2.65
CA GLN B 175 14.16 -10.24 2.52
C GLN B 175 12.96 -10.82 1.79
N LEU B 176 13.23 -11.64 0.77
CA LEU B 176 12.20 -12.24 -0.05
C LEU B 176 12.04 -13.71 0.30
N ASP B 177 10.79 -14.19 0.22
CA ASP B 177 10.48 -15.58 0.52
C ASP B 177 10.68 -16.42 -0.75
N VAL B 178 11.94 -16.72 -1.01
CA VAL B 178 12.32 -17.54 -2.17
C VAL B 178 13.48 -18.43 -1.74
N GLY B 179 13.41 -19.70 -2.13
CA GLY B 179 14.43 -20.65 -1.75
C GLY B 179 15.75 -20.38 -2.45
N ASN B 180 16.67 -21.34 -2.28
CA ASN B 180 17.97 -21.21 -2.91
C ASN B 180 17.89 -21.50 -4.41
N ASN B 181 17.04 -22.44 -4.80
CA ASN B 181 16.88 -22.79 -6.21
C ASN B 181 15.95 -21.79 -6.89
N PRO B 182 16.45 -20.94 -7.80
CA PRO B 182 15.55 -20.09 -8.57
C PRO B 182 14.74 -20.86 -9.61
N ARG B 183 15.14 -22.08 -9.93
CA ARG B 183 14.55 -22.80 -11.04
C ARG B 183 13.24 -23.46 -10.62
N VAL B 184 12.37 -22.66 -10.02
CA VAL B 184 11.00 -23.06 -9.78
C VAL B 184 10.18 -22.61 -10.99
N GLY B 185 9.02 -23.20 -11.14
CA GLY B 185 8.18 -22.90 -12.29
C GLY B 185 8.32 -23.96 -13.35
N THR B 186 7.73 -23.65 -14.50
CA THR B 186 7.68 -24.58 -15.61
C THR B 186 8.84 -24.32 -16.56
N LYS B 187 9.66 -25.35 -16.78
CA LYS B 187 10.91 -25.19 -17.53
C LYS B 187 10.68 -24.51 -18.87
N ARG B 188 9.66 -24.94 -19.61
CA ARG B 188 9.39 -24.39 -20.93
C ARG B 188 9.25 -22.87 -20.91
N TYR B 189 8.76 -22.31 -19.81
CA TYR B 189 8.48 -20.88 -19.72
C TYR B 189 9.57 -20.11 -18.99
N MET B 190 10.63 -20.78 -18.54
CA MET B 190 11.64 -20.13 -17.72
C MET B 190 12.46 -19.13 -18.52
N ALA B 191 12.64 -17.94 -17.95
CA ALA B 191 13.46 -16.93 -18.57
C ALA B 191 14.93 -17.38 -18.61
N PRO B 192 15.71 -16.86 -19.57
CA PRO B 192 17.11 -17.28 -19.66
C PRO B 192 17.90 -17.13 -18.36
N GLU B 193 17.70 -16.02 -17.66
CA GLU B 193 18.45 -15.78 -16.43
C GLU B 193 18.09 -16.76 -15.32
N VAL B 194 16.90 -17.38 -15.39
CA VAL B 194 16.57 -18.47 -14.50
C VAL B 194 17.28 -19.75 -14.92
N LEU B 195 17.16 -20.11 -16.20
CA LEU B 195 17.76 -21.34 -16.70
C LEU B 195 19.27 -21.36 -16.47
N ASP B 196 19.95 -20.23 -16.67
CA ASP B 196 21.39 -20.20 -16.41
C ASP B 196 21.72 -19.70 -15.01
N GLU B 197 20.70 -19.47 -14.17
CA GLU B 197 20.87 -19.18 -12.75
C GLU B 197 21.75 -17.95 -12.50
N THR B 198 21.73 -16.99 -13.43
CA THR B 198 22.40 -15.72 -13.20
C THR B 198 21.46 -14.66 -12.64
N ILE B 199 20.17 -14.96 -12.53
CA ILE B 199 19.23 -14.03 -11.92
C ILE B 199 19.71 -13.69 -10.51
N GLN B 200 19.57 -12.41 -10.14
CA GLN B 200 19.93 -12.00 -8.79
C GLN B 200 18.73 -12.28 -7.88
N VAL B 201 18.85 -13.33 -7.06
CA VAL B 201 17.72 -13.79 -6.26
C VAL B 201 17.26 -12.73 -5.27
N ASP B 202 18.10 -11.73 -4.99
CA ASP B 202 17.82 -10.72 -3.98
C ASP B 202 17.07 -9.51 -4.52
N CYS B 203 16.93 -9.38 -5.83
CA CYS B 203 16.33 -8.20 -6.45
C CYS B 203 14.89 -8.55 -6.81
N PHE B 204 13.92 -7.93 -6.13
CA PHE B 204 12.53 -8.26 -6.42
C PHE B 204 12.19 -7.97 -7.87
N ASP B 205 12.69 -6.86 -8.40
CA ASP B 205 12.38 -6.51 -9.79
C ASP B 205 12.75 -7.62 -10.75
N SER B 206 13.79 -8.40 -10.42
CA SER B 206 14.18 -9.51 -11.28
C SER B 206 13.05 -10.52 -11.46
N TYR B 207 12.25 -10.73 -10.41
CA TYR B 207 11.16 -11.69 -10.53
C TYR B 207 10.03 -11.12 -11.38
N LYS B 208 9.80 -9.82 -11.30
CA LYS B 208 8.83 -9.21 -12.21
C LYS B 208 9.25 -9.41 -13.66
N ARG B 209 10.55 -9.34 -13.95
CA ARG B 209 10.99 -9.47 -15.33
C ARG B 209 10.86 -10.90 -15.83
N VAL B 210 10.99 -11.90 -14.95
CA VAL B 210 10.75 -13.27 -15.34
C VAL B 210 9.29 -13.47 -15.72
N ASP B 211 8.38 -12.82 -14.99
CA ASP B 211 6.96 -12.87 -15.37
C ASP B 211 6.73 -12.29 -16.75
N ILE B 212 7.45 -11.21 -17.08
CA ILE B 212 7.23 -10.56 -18.37
C ILE B 212 7.70 -11.47 -19.51
N TRP B 213 8.85 -12.12 -19.34
CA TRP B 213 9.28 -13.12 -20.30
C TRP B 213 8.18 -14.16 -20.53
N ALA B 214 7.63 -14.70 -19.45
CA ALA B 214 6.58 -15.71 -19.59
C ALA B 214 5.34 -15.11 -20.24
N PHE B 215 5.01 -13.86 -19.91
CA PHE B 215 3.85 -13.22 -20.52
C PHE B 215 4.01 -13.16 -22.04
N GLY B 216 5.22 -12.80 -22.51
CA GLY B 216 5.46 -12.76 -23.94
C GLY B 216 5.19 -14.09 -24.60
N LEU B 217 5.56 -15.19 -23.94
CA LEU B 217 5.31 -16.50 -24.50
C LEU B 217 3.81 -16.79 -24.58
N VAL B 218 3.05 -16.40 -23.54
CA VAL B 218 1.60 -16.59 -23.56
C VAL B 218 0.97 -15.75 -24.66
N LEU B 219 1.48 -14.54 -24.87
CA LEU B 219 0.99 -13.72 -25.98
C LEU B 219 1.12 -14.47 -27.30
N TRP B 220 2.30 -15.06 -27.52
CA TRP B 220 2.54 -15.82 -28.74
C TRP B 220 1.58 -16.99 -28.85
N GLU B 221 1.34 -17.70 -27.74
CA GLU B 221 0.38 -18.79 -27.74
C GLU B 221 -0.99 -18.32 -28.21
N VAL B 222 -1.43 -17.17 -27.70
CA VAL B 222 -2.77 -16.68 -28.00
C VAL B 222 -2.84 -16.14 -29.42
N ALA B 223 -1.82 -15.38 -29.83
CA ALA B 223 -1.85 -14.73 -31.13
C ALA B 223 -1.94 -15.75 -32.25
N ARG B 224 -1.34 -16.93 -32.05
CA ARG B 224 -1.39 -17.96 -33.09
C ARG B 224 -2.81 -18.37 -33.42
N ARG B 225 -3.71 -18.27 -32.45
CA ARG B 225 -5.08 -18.73 -32.61
C ARG B 225 -6.02 -17.63 -33.10
N MET B 226 -5.52 -16.42 -33.31
CA MET B 226 -6.34 -15.36 -33.88
C MET B 226 -6.38 -15.49 -35.40
N VAL B 227 -7.59 -15.50 -35.96
CA VAL B 227 -7.75 -15.62 -37.40
C VAL B 227 -7.51 -14.26 -38.06
N SER B 228 -6.75 -14.27 -39.15
CA SER B 228 -6.53 -13.08 -39.96
C SER B 228 -6.56 -13.49 -41.42
N ASN B 229 -7.36 -12.78 -42.22
CA ASN B 229 -7.50 -13.08 -43.64
C ASN B 229 -7.68 -14.57 -43.87
N GLY B 230 -8.52 -15.18 -43.02
CA GLY B 230 -8.87 -16.58 -43.17
C GLY B 230 -7.82 -17.57 -42.74
N ILE B 231 -6.73 -17.12 -42.12
CA ILE B 231 -5.61 -17.99 -41.74
C ILE B 231 -5.55 -18.08 -40.23
N VAL B 232 -5.06 -19.21 -39.73
CA VAL B 232 -4.79 -19.38 -38.30
C VAL B 232 -3.81 -20.53 -38.14
N GLU B 233 -3.03 -20.47 -37.06
CA GLU B 233 -2.14 -21.56 -36.68
C GLU B 233 -2.82 -22.48 -35.67
N ASP B 234 -2.44 -23.76 -35.69
CA ASP B 234 -2.90 -24.67 -34.66
C ASP B 234 -2.19 -24.35 -33.35
N TYR B 235 -2.82 -24.74 -32.25
CA TYR B 235 -2.20 -24.46 -30.96
C TYR B 235 -0.89 -25.21 -30.82
N LYS B 236 0.11 -24.52 -30.31
CA LYS B 236 1.39 -25.13 -29.96
C LYS B 236 1.93 -24.44 -28.71
N PRO B 237 2.62 -25.18 -27.85
CA PRO B 237 3.30 -24.54 -26.72
C PRO B 237 4.56 -23.83 -27.19
N PRO B 238 5.05 -22.86 -26.43
CA PRO B 238 6.30 -22.20 -26.83
C PRO B 238 7.42 -23.22 -26.98
N PHE B 239 8.21 -23.04 -28.05
CA PHE B 239 9.38 -23.86 -28.33
C PHE B 239 9.04 -25.30 -28.69
N TYR B 240 7.80 -25.56 -29.14
CA TYR B 240 7.41 -26.90 -29.55
C TYR B 240 8.33 -27.49 -30.60
N ASP B 241 8.90 -26.65 -31.47
CA ASP B 241 9.63 -27.12 -32.63
C ASP B 241 11.09 -27.43 -32.35
N VAL B 242 11.60 -27.09 -31.16
CA VAL B 242 13.02 -27.24 -30.89
C VAL B 242 13.32 -28.07 -29.62
N VAL B 243 12.33 -28.30 -28.78
CA VAL B 243 12.56 -29.09 -27.55
C VAL B 243 11.49 -30.17 -27.46
N PRO B 244 11.76 -31.23 -26.71
CA PRO B 244 10.78 -32.31 -26.57
C PRO B 244 9.77 -32.01 -25.47
N ASN B 245 8.79 -32.89 -25.36
CA ASN B 245 7.86 -32.80 -24.24
C ASN B 245 8.60 -33.00 -22.93
N ASP B 246 8.12 -32.34 -21.89
CA ASP B 246 8.77 -32.36 -20.58
C ASP B 246 10.27 -32.07 -20.76
N PRO B 247 10.63 -30.93 -21.36
CA PRO B 247 12.05 -30.68 -21.65
C PRO B 247 12.86 -30.60 -20.38
N SER B 248 14.13 -31.00 -20.50
CA SER B 248 15.09 -30.88 -19.41
C SER B 248 15.57 -29.44 -19.28
N PHE B 249 16.17 -29.14 -18.12
CA PHE B 249 16.83 -27.85 -17.96
C PHE B 249 17.83 -27.63 -19.08
N GLU B 250 18.55 -28.69 -19.47
CA GLU B 250 19.61 -28.55 -20.46
C GLU B 250 19.02 -28.25 -21.84
N ASP B 251 17.95 -28.96 -22.22
CA ASP B 251 17.26 -28.64 -23.47
C ASP B 251 16.89 -27.16 -23.52
N MET B 252 16.29 -26.65 -22.45
CA MET B 252 15.81 -25.26 -22.47
C MET B 252 16.98 -24.28 -22.49
N ARG B 253 18.04 -24.58 -21.76
CA ARG B 253 19.18 -23.67 -21.66
C ARG B 253 19.85 -23.49 -23.02
N LYS B 254 20.10 -24.59 -23.73
CA LYS B 254 20.70 -24.50 -25.06
C LYS B 254 19.88 -23.59 -25.97
N VAL B 255 18.56 -23.78 -25.99
CA VAL B 255 17.72 -23.02 -26.91
C VAL B 255 17.69 -21.55 -26.51
N VAL B 256 17.43 -21.28 -25.23
CA VAL B 256 17.10 -19.92 -24.80
C VAL B 256 18.35 -19.15 -24.37
N CYS B 257 19.33 -19.82 -23.79
CA CYS B 257 20.53 -19.14 -23.28
C CYS B 257 21.69 -19.17 -24.26
N VAL B 258 22.01 -20.33 -24.84
CA VAL B 258 23.17 -20.43 -25.72
C VAL B 258 22.78 -20.00 -27.13
N ASP B 259 21.80 -20.66 -27.72
CA ASP B 259 21.35 -20.31 -29.06
C ASP B 259 20.50 -19.03 -29.06
N GLN B 260 19.94 -18.67 -27.91
CA GLN B 260 19.16 -17.44 -27.75
C GLN B 260 18.04 -17.37 -28.79
N GLN B 261 17.37 -18.50 -28.98
CA GLN B 261 16.24 -18.57 -29.90
C GLN B 261 14.97 -18.03 -29.24
N ARG B 262 14.00 -17.73 -30.08
CA ARG B 262 12.69 -17.27 -29.65
C ARG B 262 11.64 -17.94 -30.52
N PRO B 263 10.37 -17.93 -30.10
CA PRO B 263 9.31 -18.48 -30.94
C PRO B 263 9.17 -17.70 -32.24
N ASN B 264 8.99 -18.45 -33.33
CA ASN B 264 8.91 -17.85 -34.66
C ASN B 264 7.58 -17.15 -34.89
N ILE B 265 7.64 -16.03 -35.62
CA ILE B 265 6.45 -15.24 -35.93
C ILE B 265 5.93 -15.69 -37.29
N PRO B 266 4.74 -16.28 -37.38
CA PRO B 266 4.18 -16.63 -38.69
C PRO B 266 4.13 -15.42 -39.61
N ASN B 267 4.47 -15.64 -40.88
CA ASN B 267 4.47 -14.54 -41.84
C ASN B 267 3.10 -13.88 -41.94
N ARG B 268 2.03 -14.67 -41.82
CA ARG B 268 0.70 -14.13 -42.07
C ARG B 268 0.31 -13.05 -41.06
N TRP B 269 0.97 -13.00 -39.89
CA TRP B 269 0.68 -11.96 -38.93
C TRP B 269 0.92 -10.56 -39.50
N PHE B 270 1.89 -10.42 -40.40
CA PHE B 270 2.22 -9.09 -40.89
C PHE B 270 1.24 -8.58 -41.93
N SER B 271 0.19 -9.34 -42.24
CA SER B 271 -0.92 -8.85 -43.06
C SER B 271 -2.06 -8.31 -42.20
N ASP B 272 -1.92 -8.32 -40.88
CA ASP B 272 -2.96 -7.88 -39.95
C ASP B 272 -2.35 -6.91 -38.96
N PRO B 273 -2.89 -5.69 -38.83
CA PRO B 273 -2.23 -4.70 -37.96
C PRO B 273 -2.23 -5.09 -36.49
N THR B 274 -3.28 -5.75 -36.00
CA THR B 274 -3.26 -6.20 -34.62
C THR B 274 -2.11 -7.16 -34.38
N LEU B 275 -2.02 -8.22 -35.19
CA LEU B 275 -0.98 -9.22 -34.96
C LEU B 275 0.41 -8.63 -35.18
N THR B 276 0.57 -7.73 -36.15
CA THR B 276 1.83 -7.00 -36.28
C THR B 276 2.18 -6.32 -34.96
N SER B 277 1.23 -5.57 -34.39
CA SER B 277 1.49 -4.90 -33.12
C SER B 277 1.81 -5.89 -32.01
N LEU B 278 1.08 -7.01 -31.96
CA LEU B 278 1.33 -8.00 -30.92
C LEU B 278 2.70 -8.63 -31.09
N ALA B 279 3.10 -8.90 -32.33
CA ALA B 279 4.43 -9.43 -32.59
C ALA B 279 5.50 -8.50 -32.04
N LYS B 280 5.37 -7.20 -32.34
CA LYS B 280 6.31 -6.23 -31.79
C LYS B 280 6.33 -6.30 -30.28
N LEU B 281 5.15 -6.42 -29.65
CA LEU B 281 5.05 -6.39 -28.20
C LEU B 281 5.70 -7.62 -27.58
N MET B 282 5.39 -8.81 -28.08
CA MET B 282 5.94 -10.01 -27.46
C MET B 282 7.46 -10.04 -27.59
N LYS B 283 8.00 -9.43 -28.64
CA LYS B 283 9.45 -9.37 -28.76
C LYS B 283 10.06 -8.42 -27.73
N GLU B 284 9.31 -7.40 -27.29
CA GLU B 284 9.79 -6.55 -26.21
C GLU B 284 9.66 -7.19 -24.85
N CYS B 285 8.96 -8.32 -24.76
CA CYS B 285 8.93 -9.11 -23.53
C CYS B 285 10.06 -10.14 -23.49
N TRP B 286 10.70 -10.40 -24.62
CA TRP B 286 11.65 -11.50 -24.76
C TRP B 286 13.10 -11.05 -24.81
N TYR B 287 13.38 -9.77 -24.54
CA TYR B 287 14.76 -9.31 -24.57
C TYR B 287 15.61 -10.22 -23.69
N GLN B 288 16.78 -10.61 -24.23
CA GLN B 288 17.74 -11.37 -23.43
C GLN B 288 18.11 -10.61 -22.15
N ASN B 289 18.32 -9.30 -22.26
CA ASN B 289 18.58 -8.49 -21.09
C ASN B 289 17.29 -8.26 -20.31
N PRO B 290 17.20 -8.69 -19.06
CA PRO B 290 15.92 -8.53 -18.34
C PRO B 290 15.46 -7.09 -18.21
N SER B 291 16.39 -6.14 -18.08
CA SER B 291 16.01 -4.75 -17.84
C SER B 291 15.49 -4.04 -19.08
N ALA B 292 15.64 -4.65 -20.26
CA ALA B 292 15.09 -4.05 -21.48
C ALA B 292 13.62 -4.39 -21.67
N ARG B 293 13.12 -5.40 -20.98
CA ARG B 293 11.75 -5.84 -21.17
C ARG B 293 10.78 -4.78 -20.67
N LEU B 294 9.63 -4.70 -21.33
CA LEU B 294 8.59 -3.78 -20.90
C LEU B 294 8.12 -4.14 -19.50
N THR B 295 7.59 -3.14 -18.79
CA THR B 295 6.87 -3.40 -17.56
C THR B 295 5.47 -3.93 -17.87
N ALA B 296 4.86 -4.57 -16.87
CA ALA B 296 3.48 -5.02 -17.04
C ALA B 296 2.56 -3.85 -17.34
N LEU B 297 2.72 -2.76 -16.61
CA LEU B 297 1.87 -1.59 -16.84
C LEU B 297 2.05 -1.02 -18.25
N ARG B 298 3.30 -0.94 -18.71
CA ARG B 298 3.55 -0.46 -20.07
C ARG B 298 2.87 -1.36 -21.10
N ILE B 299 2.97 -2.68 -20.91
CA ILE B 299 2.28 -3.61 -21.79
C ILE B 299 0.78 -3.34 -21.77
N LYS B 300 0.22 -3.18 -20.57
CA LYS B 300 -1.21 -2.89 -20.45
C LYS B 300 -1.58 -1.62 -21.20
N LYS B 301 -0.82 -0.54 -20.97
CA LYS B 301 -1.05 0.68 -21.72
C LYS B 301 -1.04 0.41 -23.21
N THR B 302 0.03 -0.21 -23.69
CA THR B 302 0.16 -0.52 -25.11
C THR B 302 -1.05 -1.26 -25.64
N LEU B 303 -1.45 -2.32 -24.93
CA LEU B 303 -2.58 -3.12 -25.38
C LEU B 303 -3.87 -2.30 -25.37
N THR B 304 -4.00 -1.36 -24.44
CA THR B 304 -5.19 -0.52 -24.38
C THR B 304 -5.34 0.31 -25.65
N LYS B 305 -4.23 0.63 -26.31
CA LYS B 305 -4.26 1.42 -27.54
C LYS B 305 -4.12 0.58 -28.80
N ILE B 306 -3.66 -0.67 -28.69
CA ILE B 306 -3.53 -1.51 -29.87
C ILE B 306 -4.87 -1.70 -30.55
N ASP B 307 -5.93 -1.89 -29.76
CA ASP B 307 -7.30 -2.13 -30.24
C ASP B 307 -7.50 -2.07 -31.75
#